data_3DH0
#
_entry.id   3DH0
#
_cell.length_a   66.436
_cell.length_b   42.902
_cell.length_c   84.253
_cell.angle_alpha   90.00
_cell.angle_beta   106.74
_cell.angle_gamma   90.00
#
_symmetry.space_group_name_H-M   'P 1 21 1'
#
loop_
_entity.id
_entity.type
_entity.pdbx_description
1 polymer 'SAM dependent methyltransferase'
2 non-polymer S-ADENOSYLMETHIONINE
3 water water
#
_entity_poly.entity_id   1
_entity_poly.type   'polypeptide(L)'
_entity_poly.pdbx_seq_one_letter_code
;MSLAHKFDPSKIKKLDDPSRLELFDPEKVLKEFGLKEGMTVLDVGTGAGFYLPYLSKMVGEKGKVYAIDVQEEMVNYAWE
KVNKLGLKNVEVLKSEENKIPLPDNTVDFIFMAFTFHELSEPLKFLEELKRVAKPFAYLAIIDWKKEERDKGPPPEEVYS
EWEVGLILEDAGIRVGRVVEVGKYCFGVYAMIVKQEEENPLMNVPFKIPPGEGHHHHHH
;
_entity_poly.pdbx_strand_id   A,B
#
loop_
_chem_comp.id
_chem_comp.type
_chem_comp.name
_chem_comp.formula
SAM non-polymer S-ADENOSYLMETHIONINE 'C15 H22 N6 O5 S'
#
# COMPACT_ATOMS: atom_id res chain seq x y z
N LYS A 6 9.60 18.58 -6.09
CA LYS A 6 8.83 17.43 -6.65
C LYS A 6 8.66 17.53 -8.15
N PHE A 7 8.62 16.41 -8.84
CA PHE A 7 8.47 16.48 -10.29
C PHE A 7 7.09 17.05 -10.59
N ASP A 8 6.98 17.77 -11.70
CA ASP A 8 5.70 18.34 -12.07
C ASP A 8 4.77 17.43 -12.85
N PRO A 9 3.68 17.00 -12.23
CA PRO A 9 2.66 16.12 -12.80
C PRO A 9 2.26 16.40 -14.26
N SER A 10 2.25 17.66 -14.69
CA SER A 10 1.84 17.95 -16.07
C SER A 10 2.94 17.69 -17.10
N LYS A 11 4.12 17.32 -16.62
CA LYS A 11 5.26 17.03 -17.49
C LYS A 11 5.52 15.53 -17.54
N ILE A 12 4.64 14.75 -16.94
CA ILE A 12 4.81 13.30 -16.86
C ILE A 12 5.21 12.56 -18.14
N LYS A 13 4.82 13.07 -19.29
CA LYS A 13 5.15 12.41 -20.55
C LYS A 13 6.66 12.43 -20.74
N LYS A 14 7.34 13.31 -20.02
CA LYS A 14 8.79 13.40 -20.11
C LYS A 14 9.40 12.20 -19.39
N LEU A 15 8.59 11.56 -18.55
CA LEU A 15 9.06 10.40 -17.82
C LEU A 15 8.71 9.12 -18.58
N ASP A 16 7.74 9.21 -19.48
CA ASP A 16 7.30 8.08 -20.27
C ASP A 16 7.82 8.22 -21.71
N ASP A 17 9.11 8.51 -21.82
CA ASP A 17 9.77 8.72 -23.12
C ASP A 17 10.76 7.59 -23.42
N PRO A 18 10.47 6.78 -24.46
CA PRO A 18 11.37 5.68 -24.80
C PRO A 18 12.80 6.11 -25.07
N SER A 19 13.02 7.40 -25.24
CA SER A 19 14.37 7.91 -25.50
C SER A 19 15.22 8.00 -24.23
N ARG A 20 14.63 7.67 -23.08
CA ARG A 20 15.32 7.70 -21.80
C ARG A 20 16.32 6.56 -21.81
N LEU A 21 16.07 5.59 -22.68
CA LEU A 21 16.95 4.44 -22.76
C LEU A 21 18.36 4.88 -23.11
N GLU A 22 18.47 6.04 -23.74
CA GLU A 22 19.77 6.57 -24.13
C GLU A 22 20.62 6.93 -22.92
N LEU A 23 20.01 6.89 -21.73
CA LEU A 23 20.73 7.22 -20.51
C LEU A 23 21.54 6.04 -20.04
N PHE A 24 20.90 4.87 -20.07
CA PHE A 24 21.54 3.62 -19.67
C PHE A 24 20.58 2.47 -19.94
N ASP A 25 21.14 1.29 -20.14
CA ASP A 25 20.34 0.09 -20.41
C ASP A 25 19.68 -0.34 -19.09
N PRO A 26 18.34 -0.33 -19.04
CA PRO A 26 17.63 -0.72 -17.82
C PRO A 26 17.97 -2.08 -17.23
N GLU A 27 17.83 -3.17 -17.99
CA GLU A 27 18.14 -4.46 -17.38
C GLU A 27 19.61 -4.78 -17.24
N LYS A 28 20.45 -4.09 -18.01
CA LYS A 28 21.88 -4.33 -17.89
C LYS A 28 22.27 -3.83 -16.51
N VAL A 29 21.88 -2.59 -16.23
CA VAL A 29 22.19 -1.98 -14.95
C VAL A 29 21.62 -2.74 -13.75
N LEU A 30 20.35 -3.14 -13.83
CA LEU A 30 19.70 -3.85 -12.74
C LEU A 30 20.38 -5.19 -12.43
N LYS A 31 20.59 -5.97 -13.49
CA LYS A 31 21.20 -7.28 -13.38
C LYS A 31 22.57 -7.16 -12.73
N GLU A 32 23.25 -6.08 -13.07
CA GLU A 32 24.57 -5.85 -12.53
C GLU A 32 24.50 -5.45 -11.06
N PHE A 33 23.46 -4.71 -10.68
CA PHE A 33 23.30 -4.28 -9.28
C PHE A 33 22.73 -5.34 -8.36
N GLY A 34 22.42 -6.52 -8.91
CA GLY A 34 21.91 -7.60 -8.09
C GLY A 34 20.44 -7.95 -8.07
N LEU A 35 19.60 -7.32 -8.89
CA LEU A 35 18.18 -7.66 -8.86
C LEU A 35 18.06 -9.08 -9.42
N LYS A 36 17.34 -9.94 -8.71
CA LYS A 36 17.21 -11.30 -9.18
C LYS A 36 15.79 -11.80 -9.18
N GLU A 37 15.59 -12.89 -9.90
CA GLU A 37 14.29 -13.52 -10.02
C GLU A 37 13.79 -13.87 -8.61
N GLY A 38 12.50 -13.64 -8.37
CA GLY A 38 11.90 -13.93 -7.08
C GLY A 38 11.99 -12.80 -6.07
N MET A 39 12.91 -11.87 -6.28
CA MET A 39 13.07 -10.74 -5.38
C MET A 39 11.89 -9.76 -5.37
N THR A 40 11.62 -9.20 -4.20
CA THR A 40 10.56 -8.24 -4.08
C THR A 40 11.30 -6.92 -4.14
N VAL A 41 10.93 -6.10 -5.11
CA VAL A 41 11.60 -4.83 -5.29
C VAL A 41 10.71 -3.61 -5.09
N LEU A 42 11.27 -2.59 -4.45
CA LEU A 42 10.56 -1.35 -4.21
C LEU A 42 11.11 -0.32 -5.18
N ASP A 43 10.20 0.32 -5.91
CA ASP A 43 10.54 1.35 -6.89
C ASP A 43 10.03 2.63 -6.26
N VAL A 44 10.92 3.40 -5.66
CA VAL A 44 10.54 4.63 -4.97
C VAL A 44 9.82 5.72 -5.77
N GLY A 45 10.50 6.47 -6.61
CA GLY A 45 9.76 7.47 -7.37
C GLY A 45 9.29 6.85 -8.66
N THR A 46 8.28 5.99 -8.57
CA THR A 46 7.78 5.29 -9.74
C THR A 46 7.38 6.21 -10.89
N GLY A 47 6.90 7.41 -10.56
CA GLY A 47 6.50 8.36 -11.59
C GLY A 47 5.53 7.84 -12.63
N ALA A 48 5.97 7.77 -13.87
CA ALA A 48 5.13 7.27 -14.95
C ALA A 48 5.15 5.75 -15.01
N GLY A 49 6.09 5.15 -14.29
CA GLY A 49 6.22 3.70 -14.27
C GLY A 49 7.06 3.23 -15.44
N PHE A 50 7.96 4.11 -15.89
CA PHE A 50 8.82 3.84 -17.02
C PHE A 50 9.66 2.59 -16.88
N TYR A 51 10.44 2.48 -15.82
CA TYR A 51 11.26 1.30 -15.59
C TYR A 51 10.50 0.08 -15.06
N LEU A 52 9.20 0.21 -14.82
CA LEU A 52 8.42 -0.90 -14.30
C LEU A 52 8.39 -2.16 -15.18
N PRO A 53 8.29 -2.00 -16.50
CA PRO A 53 8.30 -3.20 -17.33
C PRO A 53 9.56 -4.02 -17.13
N TYR A 54 10.63 -3.33 -16.75
CA TYR A 54 11.93 -3.95 -16.53
C TYR A 54 11.98 -4.72 -15.24
N LEU A 55 11.79 -4.01 -14.14
CA LEU A 55 11.77 -4.61 -12.82
C LEU A 55 10.81 -5.80 -12.81
N SER A 56 9.66 -5.61 -13.44
CA SER A 56 8.65 -6.66 -13.52
C SER A 56 9.24 -7.91 -14.15
N LYS A 57 9.85 -7.73 -15.32
CA LYS A 57 10.42 -8.84 -16.04
C LYS A 57 11.48 -9.57 -15.24
N MET A 58 12.38 -8.81 -14.62
CA MET A 58 13.49 -9.39 -13.86
C MET A 58 13.19 -10.16 -12.60
N VAL A 59 12.03 -9.96 -11.99
CA VAL A 59 11.71 -10.70 -10.79
C VAL A 59 10.83 -11.88 -11.16
N GLY A 60 10.22 -11.78 -12.34
CA GLY A 60 9.37 -12.85 -12.84
C GLY A 60 8.08 -13.14 -12.11
N GLU A 61 7.38 -14.14 -12.60
CA GLU A 61 6.11 -14.61 -12.06
C GLU A 61 6.17 -14.75 -10.53
N LYS A 62 7.31 -15.18 -10.02
CA LYS A 62 7.52 -15.38 -8.59
C LYS A 62 7.83 -14.13 -7.76
N GLY A 63 8.42 -13.12 -8.37
CA GLY A 63 8.74 -11.90 -7.64
C GLY A 63 7.61 -10.89 -7.55
N LYS A 64 7.91 -9.72 -7.01
CA LYS A 64 6.90 -8.70 -6.89
C LYS A 64 7.51 -7.31 -6.99
N VAL A 65 6.74 -6.38 -7.50
CA VAL A 65 7.24 -5.01 -7.63
C VAL A 65 6.28 -4.01 -6.98
N TYR A 66 6.74 -3.35 -5.94
CA TYR A 66 5.92 -2.33 -5.30
C TYR A 66 6.38 -1.00 -5.85
N ALA A 67 5.48 -0.33 -6.57
CA ALA A 67 5.79 0.95 -7.17
C ALA A 67 5.08 2.07 -6.41
N ILE A 68 5.81 2.80 -5.57
CA ILE A 68 5.22 3.89 -4.82
C ILE A 68 5.47 5.25 -5.43
N ASP A 69 4.82 6.26 -4.89
CA ASP A 69 4.98 7.61 -5.35
C ASP A 69 4.05 8.50 -4.55
N VAL A 70 4.59 9.60 -4.02
CA VAL A 70 3.83 10.55 -3.22
C VAL A 70 2.74 11.28 -3.99
N GLN A 71 2.88 11.38 -5.31
CA GLN A 71 1.87 12.07 -6.11
C GLN A 71 0.80 11.16 -6.70
N GLU A 72 -0.45 11.48 -6.39
CA GLU A 72 -1.60 10.73 -6.84
C GLU A 72 -1.69 10.60 -8.36
N GLU A 73 -1.37 11.69 -9.08
CA GLU A 73 -1.43 11.65 -10.53
C GLU A 73 -0.42 10.66 -11.09
N MET A 74 0.75 10.60 -10.48
CA MET A 74 1.77 9.66 -10.94
C MET A 74 1.33 8.25 -10.60
N VAL A 75 0.66 8.08 -9.48
CA VAL A 75 0.20 6.75 -9.09
C VAL A 75 -0.81 6.20 -10.09
N ASN A 76 -1.82 7.00 -10.43
CA ASN A 76 -2.82 6.51 -11.36
C ASN A 76 -2.30 6.32 -12.78
N TYR A 77 -1.30 7.09 -13.15
CA TYR A 77 -0.73 6.97 -14.49
C TYR A 77 0.03 5.66 -14.59
N ALA A 78 0.87 5.38 -13.57
CA ALA A 78 1.67 4.16 -13.53
C ALA A 78 0.77 2.93 -13.45
N TRP A 79 -0.34 3.06 -12.74
CA TRP A 79 -1.28 1.97 -12.61
C TRP A 79 -1.86 1.61 -13.96
N GLU A 80 -2.40 2.61 -14.68
CA GLU A 80 -2.97 2.35 -15.98
C GLU A 80 -1.90 1.75 -16.87
N LYS A 81 -0.66 2.06 -16.58
CA LYS A 81 0.42 1.52 -17.36
C LYS A 81 0.51 0.02 -17.18
N VAL A 82 0.61 -0.45 -15.95
CA VAL A 82 0.74 -1.88 -15.72
C VAL A 82 -0.41 -2.66 -16.34
N ASN A 83 -1.59 -2.08 -16.34
CA ASN A 83 -2.75 -2.77 -16.89
C ASN A 83 -2.73 -2.77 -18.39
N LYS A 84 -2.15 -1.71 -18.94
CA LYS A 84 -2.08 -1.57 -20.36
C LYS A 84 -1.08 -2.56 -20.90
N LEU A 85 -0.01 -2.78 -20.15
CA LEU A 85 1.06 -3.69 -20.56
C LEU A 85 0.89 -5.12 -20.11
N GLY A 86 0.02 -5.34 -19.13
CA GLY A 86 -0.21 -6.68 -18.64
C GLY A 86 0.82 -7.16 -17.63
N LEU A 87 1.34 -6.25 -16.83
CA LEU A 87 2.32 -6.59 -15.80
C LEU A 87 1.58 -7.08 -14.54
N LYS A 88 1.48 -8.40 -14.41
CA LYS A 88 0.76 -9.01 -13.29
C LYS A 88 1.41 -9.01 -11.92
N ASN A 89 2.72 -8.89 -11.83
CA ASN A 89 3.38 -8.91 -10.54
C ASN A 89 3.67 -7.54 -9.95
N VAL A 90 3.03 -6.50 -10.50
CA VAL A 90 3.29 -5.16 -9.98
C VAL A 90 2.12 -4.59 -9.21
N GLU A 91 2.46 -4.03 -8.05
CA GLU A 91 1.49 -3.42 -7.17
C GLU A 91 1.84 -1.93 -7.03
N VAL A 92 1.00 -1.07 -7.58
CA VAL A 92 1.20 0.38 -7.53
C VAL A 92 0.52 1.01 -6.32
N LEU A 93 1.29 1.70 -5.49
CA LEU A 93 0.75 2.29 -4.27
C LEU A 93 0.99 3.80 -4.07
N LYS A 94 0.05 4.43 -3.36
CA LYS A 94 0.11 5.84 -3.03
C LYS A 94 0.95 6.02 -1.76
N SER A 95 2.10 6.67 -1.91
CA SER A 95 3.02 6.90 -0.81
C SER A 95 2.91 8.28 -0.17
N GLU A 96 3.48 8.38 1.02
CA GLU A 96 3.49 9.62 1.78
C GLU A 96 4.97 9.95 1.92
N GLU A 97 5.30 11.22 2.06
CA GLU A 97 6.70 11.64 2.14
C GLU A 97 7.67 10.73 2.88
N ASN A 98 7.44 10.44 4.14
CA ASN A 98 8.38 9.58 4.86
C ASN A 98 7.76 8.33 5.43
N LYS A 99 6.69 7.86 4.80
CA LYS A 99 5.99 6.67 5.24
C LYS A 99 5.67 5.74 4.08
N ILE A 100 6.15 4.50 4.14
CA ILE A 100 5.89 3.53 3.11
C ILE A 100 4.80 2.59 3.63
N PRO A 101 3.70 2.45 2.90
CA PRO A 101 2.59 1.59 3.30
C PRO A 101 2.85 0.08 3.28
N LEU A 102 4.04 -0.32 3.68
CA LEU A 102 4.40 -1.72 3.69
C LEU A 102 4.82 -2.21 5.08
N PRO A 103 4.66 -3.53 5.34
CA PRO A 103 5.08 -4.04 6.65
C PRO A 103 6.59 -4.26 6.69
N ASP A 104 7.15 -4.32 7.89
CA ASP A 104 8.59 -4.51 8.04
C ASP A 104 9.12 -5.71 7.28
N ASN A 105 10.40 -5.66 6.96
CA ASN A 105 11.12 -6.74 6.29
C ASN A 105 10.38 -7.41 5.15
N THR A 106 9.93 -6.60 4.20
CA THR A 106 9.20 -7.12 3.05
C THR A 106 9.93 -6.92 1.71
N VAL A 107 10.98 -6.11 1.69
CA VAL A 107 11.68 -5.89 0.42
C VAL A 107 13.13 -6.33 0.37
N ASP A 108 13.50 -6.92 -0.75
CA ASP A 108 14.84 -7.44 -0.98
C ASP A 108 15.72 -6.46 -1.75
N PHE A 109 15.09 -5.76 -2.68
CA PHE A 109 15.75 -4.79 -3.52
C PHE A 109 15.04 -3.44 -3.48
N ILE A 110 15.81 -2.37 -3.35
CA ILE A 110 15.25 -1.03 -3.35
C ILE A 110 15.90 -0.26 -4.50
N PHE A 111 15.07 0.16 -5.45
CA PHE A 111 15.54 0.88 -6.63
C PHE A 111 15.04 2.30 -6.58
N MET A 112 15.96 3.25 -6.59
CA MET A 112 15.60 4.66 -6.54
C MET A 112 16.16 5.37 -7.77
N ALA A 113 15.37 5.47 -8.84
CA ALA A 113 15.83 6.12 -10.07
C ALA A 113 15.44 7.58 -10.22
N PHE A 114 16.45 8.45 -10.12
CA PHE A 114 16.25 9.90 -10.24
C PHE A 114 15.27 10.49 -9.24
N THR A 115 15.14 9.86 -8.08
CA THR A 115 14.21 10.38 -7.11
C THR A 115 14.85 10.81 -5.78
N PHE A 116 16.07 10.37 -5.52
CA PHE A 116 16.73 10.73 -4.26
C PHE A 116 16.82 12.23 -4.01
N HIS A 117 17.28 12.99 -5.00
CA HIS A 117 17.41 14.44 -4.85
C HIS A 117 16.06 15.15 -4.68
N GLU A 118 14.96 14.41 -4.78
CA GLU A 118 13.62 14.99 -4.64
C GLU A 118 13.02 14.80 -3.24
N LEU A 119 13.70 14.03 -2.39
CA LEU A 119 13.22 13.77 -1.05
C LEU A 119 13.28 14.98 -0.10
N SER A 120 12.14 15.34 0.48
CA SER A 120 12.10 16.46 1.44
C SER A 120 13.09 16.21 2.58
N GLU A 121 12.94 15.08 3.26
CA GLU A 121 13.83 14.78 4.37
C GLU A 121 14.48 13.41 4.20
N PRO A 122 15.59 13.38 3.43
CA PRO A 122 16.37 12.18 3.13
C PRO A 122 16.56 11.19 4.28
N LEU A 123 17.47 11.52 5.20
CA LEU A 123 17.80 10.63 6.31
C LEU A 123 16.61 10.11 7.14
N LYS A 124 15.48 10.80 7.04
CA LYS A 124 14.28 10.40 7.76
C LYS A 124 13.55 9.41 6.88
N PHE A 125 13.69 9.58 5.57
CA PHE A 125 13.07 8.68 4.61
C PHE A 125 13.87 7.38 4.63
N LEU A 126 15.18 7.53 4.74
CA LEU A 126 16.10 6.40 4.80
C LEU A 126 15.77 5.48 5.98
N GLU A 127 15.34 6.05 7.10
CA GLU A 127 14.99 5.22 8.25
C GLU A 127 13.76 4.41 7.91
N GLU A 128 12.78 5.07 7.31
CA GLU A 128 11.55 4.39 6.93
C GLU A 128 11.89 3.26 5.95
N LEU A 129 12.87 3.53 5.08
CA LEU A 129 13.29 2.54 4.10
C LEU A 129 13.84 1.23 4.69
N LYS A 130 14.64 1.33 5.75
CA LYS A 130 15.23 0.15 6.39
C LYS A 130 14.13 -0.73 6.99
N ARG A 131 13.11 -0.08 7.51
CA ARG A 131 11.99 -0.78 8.13
C ARG A 131 11.38 -1.77 7.15
N VAL A 132 10.96 -1.27 5.98
CA VAL A 132 10.33 -2.14 4.99
C VAL A 132 11.35 -3.08 4.37
N ALA A 133 12.61 -2.71 4.51
CA ALA A 133 13.71 -3.52 3.97
C ALA A 133 14.04 -4.71 4.85
N LYS A 134 14.27 -5.87 4.23
CA LYS A 134 14.63 -7.07 4.98
C LYS A 134 16.02 -6.92 5.59
N PRO A 135 16.37 -7.77 6.57
CA PRO A 135 17.69 -7.65 7.18
C PRO A 135 18.83 -7.65 6.16
N PHE A 136 18.60 -8.31 5.02
CA PHE A 136 19.60 -8.37 3.94
C PHE A 136 19.53 -7.08 3.13
N ALA A 137 18.63 -7.08 2.14
CA ALA A 137 18.33 -5.95 1.25
C ALA A 137 19.45 -5.13 0.61
N TYR A 138 19.30 -4.94 -0.71
CA TYR A 138 20.24 -4.15 -1.52
C TYR A 138 19.56 -2.84 -1.91
N LEU A 139 20.33 -1.75 -1.92
CA LEU A 139 19.80 -0.45 -2.31
C LEU A 139 20.48 0.07 -3.59
N ALA A 140 19.70 0.29 -4.65
CA ALA A 140 20.25 0.78 -5.90
C ALA A 140 19.76 2.20 -6.20
N ILE A 141 20.64 3.18 -6.01
CA ILE A 141 20.29 4.56 -6.26
C ILE A 141 20.96 5.11 -7.52
N ILE A 142 20.14 5.56 -8.47
CA ILE A 142 20.66 6.10 -9.74
C ILE A 142 20.25 7.55 -9.98
N ASP A 143 21.22 8.43 -10.22
CA ASP A 143 20.89 9.83 -10.48
C ASP A 143 21.84 10.60 -11.40
N TRP A 144 21.41 11.80 -11.82
CA TRP A 144 22.21 12.65 -12.71
C TRP A 144 23.48 13.11 -12.05
N LYS A 145 24.49 13.41 -12.88
CA LYS A 145 25.79 13.90 -12.41
C LYS A 145 25.61 15.36 -11.95
N LYS A 146 26.48 15.84 -11.06
CA LYS A 146 26.32 17.21 -10.58
C LYS A 146 27.19 18.20 -11.33
N GLU A 147 27.23 18.03 -12.64
CA GLU A 147 27.99 18.92 -13.51
C GLU A 147 26.94 19.49 -14.43
N GLU A 148 27.33 19.74 -15.68
CA GLU A 148 26.36 20.26 -16.64
C GLU A 148 26.38 19.31 -17.81
N ARG A 149 25.19 19.01 -18.31
CA ARG A 149 25.05 18.05 -19.38
C ARG A 149 24.06 18.53 -20.43
N ASP A 150 24.25 18.09 -21.67
CA ASP A 150 23.34 18.49 -22.73
C ASP A 150 22.14 17.57 -22.79
N LYS A 151 21.58 17.25 -21.61
CA LYS A 151 20.43 16.35 -21.52
C LYS A 151 19.78 16.26 -20.13
N GLY A 152 20.44 16.72 -19.08
CA GLY A 152 19.80 16.62 -17.78
C GLY A 152 19.53 17.92 -17.04
N PRO A 153 18.67 17.88 -16.00
CA PRO A 153 18.28 19.06 -15.18
C PRO A 153 19.47 19.81 -14.57
N PRO A 154 19.24 21.09 -14.19
CA PRO A 154 20.25 21.97 -13.59
C PRO A 154 20.98 21.33 -12.39
N PRO A 155 22.29 21.53 -12.31
CA PRO A 155 23.13 20.99 -11.24
C PRO A 155 22.76 21.36 -9.83
N GLU A 156 22.34 22.60 -9.57
CA GLU A 156 21.99 22.98 -8.21
C GLU A 156 20.73 22.24 -7.76
N GLU A 157 20.10 21.58 -8.73
CA GLU A 157 18.89 20.84 -8.45
C GLU A 157 19.16 19.37 -8.10
N VAL A 158 20.42 18.97 -8.16
CA VAL A 158 20.76 17.58 -7.88
C VAL A 158 21.92 17.47 -6.91
N TYR A 159 22.12 16.25 -6.38
CA TYR A 159 23.23 15.96 -5.47
C TYR A 159 24.34 15.39 -6.35
N SER A 160 25.53 15.32 -5.79
CA SER A 160 26.65 14.73 -6.52
C SER A 160 26.87 13.40 -5.81
N GLU A 161 27.43 12.42 -6.52
CA GLU A 161 27.71 11.11 -5.94
C GLU A 161 28.40 11.29 -4.59
N TRP A 162 29.17 12.33 -4.46
CA TRP A 162 29.88 12.59 -3.23
C TRP A 162 28.90 12.83 -2.08
N GLU A 163 28.02 13.82 -2.20
CA GLU A 163 27.05 14.11 -1.13
C GLU A 163 26.18 12.91 -0.80
N VAL A 164 25.50 12.37 -1.80
CA VAL A 164 24.64 11.22 -1.61
C VAL A 164 25.25 10.14 -0.71
N GLY A 165 26.36 9.56 -1.15
CA GLY A 165 26.98 8.50 -0.37
C GLY A 165 27.40 8.87 1.03
N LEU A 166 27.34 10.17 1.32
CA LEU A 166 27.72 10.67 2.63
C LEU A 166 26.47 10.55 3.51
N ILE A 167 25.36 10.97 2.93
CA ILE A 167 24.07 10.92 3.58
C ILE A 167 23.76 9.49 3.94
N LEU A 168 23.95 8.60 2.97
CA LEU A 168 23.72 7.19 3.17
C LEU A 168 24.52 6.74 4.39
N GLU A 169 25.72 7.29 4.54
CA GLU A 169 26.57 6.94 5.67
C GLU A 169 25.92 7.39 6.97
N ASP A 170 25.41 8.62 7.01
CA ASP A 170 24.75 9.08 8.21
C ASP A 170 23.61 8.13 8.55
N ALA A 171 22.80 7.83 7.55
CA ALA A 171 21.64 6.95 7.72
C ALA A 171 22.02 5.52 8.09
N GLY A 172 23.32 5.23 8.08
CA GLY A 172 23.77 3.90 8.43
C GLY A 172 23.97 2.95 7.26
N ILE A 173 23.36 3.21 6.11
CA ILE A 173 23.53 2.31 4.96
C ILE A 173 24.99 2.25 4.50
N ARG A 174 25.48 1.03 4.24
CA ARG A 174 26.85 0.83 3.81
C ARG A 174 26.99 0.81 2.28
N VAL A 175 27.80 1.74 1.75
CA VAL A 175 28.03 1.84 0.32
C VAL A 175 29.23 1.01 -0.09
N GLY A 176 29.05 0.18 -1.11
CA GLY A 176 30.13 -0.66 -1.59
C GLY A 176 30.70 -0.25 -2.94
N ARG A 177 29.84 0.30 -3.80
CA ARG A 177 30.25 0.71 -5.13
C ARG A 177 29.64 2.04 -5.54
N VAL A 178 30.35 2.75 -6.40
CA VAL A 178 29.88 4.02 -6.94
C VAL A 178 30.46 4.05 -8.33
N VAL A 179 29.62 3.80 -9.33
CA VAL A 179 30.06 3.75 -10.72
C VAL A 179 29.30 4.71 -11.63
N GLU A 180 29.97 5.21 -12.67
CA GLU A 180 29.34 6.12 -13.62
C GLU A 180 28.29 5.31 -14.38
N VAL A 181 27.19 5.94 -14.75
CA VAL A 181 26.14 5.26 -15.48
C VAL A 181 25.81 6.03 -16.75
N GLY A 182 26.41 5.59 -17.85
CA GLY A 182 26.18 6.21 -19.14
C GLY A 182 26.30 7.72 -19.33
N LYS A 183 27.50 8.27 -19.20
CA LYS A 183 27.70 9.69 -19.45
C LYS A 183 26.91 10.78 -18.74
N TYR A 184 25.68 10.50 -18.31
CA TYR A 184 24.92 11.55 -17.66
C TYR A 184 24.61 11.27 -16.20
N CYS A 185 24.64 10.00 -15.83
CA CYS A 185 24.32 9.63 -14.46
C CYS A 185 25.39 8.80 -13.80
N PHE A 186 25.16 8.53 -12.52
CA PHE A 186 26.03 7.70 -11.72
C PHE A 186 25.11 6.72 -10.99
N GLY A 187 25.71 5.76 -10.31
CA GLY A 187 24.90 4.79 -9.59
C GLY A 187 25.64 4.45 -8.32
N VAL A 188 24.89 4.03 -7.31
CA VAL A 188 25.51 3.65 -6.04
C VAL A 188 24.93 2.33 -5.57
N TYR A 189 25.83 1.47 -5.13
CA TYR A 189 25.51 0.14 -4.65
C TYR A 189 25.58 0.18 -3.14
N ALA A 190 24.48 -0.11 -2.48
CA ALA A 190 24.48 -0.09 -1.02
C ALA A 190 23.67 -1.24 -0.47
N MET A 191 24.10 -1.72 0.70
CA MET A 191 23.40 -2.82 1.37
C MET A 191 22.90 -2.35 2.72
N ILE A 192 21.66 -2.70 3.02
CA ILE A 192 21.07 -2.32 4.29
C ILE A 192 21.47 -3.24 5.43
N VAL A 193 21.92 -2.61 6.51
CA VAL A 193 22.39 -3.30 7.71
C VAL A 193 21.27 -3.56 8.71
N ALA B 4 -14.67 6.15 22.60
CA ALA B 4 -14.58 5.80 21.15
C ALA B 4 -13.15 5.80 20.58
N HIS B 5 -12.10 5.51 21.36
CA HIS B 5 -10.75 5.59 20.77
C HIS B 5 -10.08 4.36 20.15
N LYS B 6 -8.90 4.59 19.58
CA LYS B 6 -8.12 3.57 18.89
C LYS B 6 -8.04 2.28 19.67
N PHE B 7 -7.66 1.19 19.01
CA PHE B 7 -7.56 -0.10 19.69
C PHE B 7 -6.16 -0.33 20.27
N ASP B 8 -6.10 -0.79 21.52
CA ASP B 8 -4.82 -1.03 22.19
C ASP B 8 -4.06 -2.22 21.61
N PRO B 9 -2.98 -1.93 20.87
CA PRO B 9 -2.12 -2.92 20.21
C PRO B 9 -1.62 -4.00 21.18
N SER B 10 -1.48 -3.63 22.45
CA SER B 10 -1.00 -4.57 23.47
C SER B 10 -1.94 -5.77 23.60
N LYS B 11 -3.21 -5.54 23.29
CA LYS B 11 -4.21 -6.60 23.37
C LYS B 11 -4.61 -7.08 21.99
N ILE B 12 -3.73 -6.92 21.01
CA ILE B 12 -4.07 -7.33 19.65
C ILE B 12 -4.51 -8.79 19.59
N LYS B 13 -3.90 -9.62 20.44
CA LYS B 13 -4.20 -11.04 20.49
C LYS B 13 -5.71 -11.24 20.71
N LYS B 14 -6.31 -10.28 21.40
CA LYS B 14 -7.74 -10.33 21.66
C LYS B 14 -8.53 -10.46 20.37
N LEU B 15 -8.08 -9.74 19.35
CA LEU B 15 -8.73 -9.73 18.03
C LEU B 15 -8.58 -11.01 17.22
N ASP B 16 -7.70 -11.90 17.63
CA ASP B 16 -7.47 -13.16 16.92
C ASP B 16 -8.11 -14.32 17.69
N ASP B 17 -8.78 -13.99 18.80
CA ASP B 17 -9.44 -15.00 19.66
C ASP B 17 -10.55 -15.78 18.96
N PRO B 18 -10.33 -17.09 18.72
CA PRO B 18 -11.33 -17.93 18.05
C PRO B 18 -12.74 -17.91 18.63
N SER B 19 -12.94 -17.11 19.66
CA SER B 19 -14.25 -16.98 20.27
C SER B 19 -15.08 -16.00 19.43
N ARG B 20 -14.41 -15.23 18.57
CA ARG B 20 -15.09 -14.25 17.73
C ARG B 20 -16.10 -14.95 16.82
N LEU B 21 -15.80 -16.19 16.46
CA LEU B 21 -16.67 -16.98 15.57
C LEU B 21 -18.11 -16.97 16.04
N GLU B 22 -18.26 -16.81 17.35
CA GLU B 22 -19.57 -16.82 17.95
C GLU B 22 -20.40 -15.57 17.70
N LEU B 23 -19.75 -14.49 17.24
CA LEU B 23 -20.49 -13.28 16.94
C LEU B 23 -21.37 -13.54 15.74
N PHE B 24 -20.82 -14.21 14.74
CA PHE B 24 -21.53 -14.53 13.50
C PHE B 24 -20.64 -15.39 12.62
N ASP B 25 -21.23 -16.03 11.63
CA ASP B 25 -20.45 -16.85 10.72
C ASP B 25 -20.01 -15.97 9.54
N PRO B 26 -18.71 -15.65 9.47
CA PRO B 26 -18.06 -14.82 8.44
C PRO B 26 -18.43 -15.25 7.02
N GLU B 27 -18.39 -16.55 6.80
CA GLU B 27 -18.74 -17.14 5.52
C GLU B 27 -20.13 -16.67 5.16
N LYS B 28 -21.05 -16.92 6.09
CA LYS B 28 -22.46 -16.59 5.95
C LYS B 28 -22.66 -15.13 5.59
N VAL B 29 -22.23 -14.27 6.50
CA VAL B 29 -22.36 -12.83 6.35
C VAL B 29 -21.76 -12.26 5.07
N LEU B 30 -20.45 -12.48 4.86
CA LEU B 30 -19.75 -11.99 3.67
C LEU B 30 -20.50 -12.41 2.40
N LYS B 31 -21.07 -13.61 2.45
CA LYS B 31 -21.81 -14.15 1.33
C LYS B 31 -23.11 -13.35 1.18
N GLU B 32 -23.82 -13.15 2.29
CA GLU B 32 -25.08 -12.40 2.23
C GLU B 32 -24.90 -10.96 1.77
N PHE B 33 -23.77 -10.36 2.10
CA PHE B 33 -23.53 -8.97 1.72
C PHE B 33 -23.01 -8.70 0.31
N GLY B 34 -22.61 -9.75 -0.40
CA GLY B 34 -22.15 -9.56 -1.77
C GLY B 34 -20.73 -9.95 -2.18
N LEU B 35 -19.87 -10.31 -1.24
CA LEU B 35 -18.53 -10.67 -1.64
C LEU B 35 -18.63 -11.85 -2.60
N LYS B 36 -17.81 -11.84 -3.65
CA LYS B 36 -17.84 -12.90 -4.64
C LYS B 36 -16.46 -13.11 -5.27
N GLU B 37 -16.22 -14.30 -5.81
CA GLU B 37 -14.94 -14.62 -6.43
C GLU B 37 -14.56 -13.67 -7.55
N GLY B 38 -13.30 -13.26 -7.55
CA GLY B 38 -12.83 -12.33 -8.57
C GLY B 38 -12.75 -10.94 -7.99
N MET B 39 -13.78 -10.55 -7.23
CA MET B 39 -13.82 -9.24 -6.63
C MET B 39 -12.54 -8.87 -5.90
N THR B 40 -12.32 -7.57 -5.82
CA THR B 40 -11.18 -7.04 -5.12
C THR B 40 -11.79 -6.37 -3.89
N VAL B 41 -11.44 -6.90 -2.74
CA VAL B 41 -11.98 -6.41 -1.49
C VAL B 41 -10.93 -5.72 -0.62
N LEU B 42 -11.35 -4.65 0.03
CA LEU B 42 -10.50 -3.90 0.93
C LEU B 42 -11.04 -4.12 2.33
N ASP B 43 -10.17 -4.58 3.22
CA ASP B 43 -10.52 -4.82 4.61
C ASP B 43 -9.93 -3.67 5.40
N VAL B 44 -10.80 -2.75 5.81
CA VAL B 44 -10.38 -1.56 6.55
C VAL B 44 -9.63 -1.77 7.87
N GLY B 45 -10.30 -2.17 8.92
CA GLY B 45 -9.57 -2.36 10.15
C GLY B 45 -9.17 -3.82 10.21
N THR B 46 -8.16 -4.19 9.43
CA THR B 46 -7.72 -5.56 9.37
C THR B 46 -7.44 -6.13 10.79
N GLY B 47 -6.95 -5.27 11.67
CA GLY B 47 -6.67 -5.68 13.03
C GLY B 47 -5.64 -6.78 13.10
N ALA B 48 -6.04 -7.94 13.62
CA ALA B 48 -5.12 -9.06 13.72
C ALA B 48 -5.19 -9.86 12.43
N GLY B 49 -6.07 -9.40 11.54
CA GLY B 49 -6.28 -10.05 10.26
C GLY B 49 -7.21 -11.25 10.37
N PHE B 50 -7.95 -11.31 11.47
CA PHE B 50 -8.87 -12.42 11.76
C PHE B 50 -9.74 -12.89 10.59
N TYR B 51 -10.38 -11.95 9.89
CA TYR B 51 -11.24 -12.31 8.78
C TYR B 51 -10.57 -12.44 7.42
N LEU B 52 -9.25 -12.28 7.38
CA LEU B 52 -8.54 -12.39 6.11
C LEU B 52 -8.72 -13.76 5.44
N PRO B 53 -8.67 -14.85 6.22
CA PRO B 53 -8.84 -16.15 5.58
C PRO B 53 -10.16 -16.22 4.82
N TYR B 54 -11.24 -15.91 5.51
CA TYR B 54 -12.56 -15.97 4.91
C TYR B 54 -12.64 -15.14 3.64
N LEU B 55 -12.22 -13.88 3.74
CA LEU B 55 -12.20 -12.96 2.61
C LEU B 55 -11.35 -13.52 1.46
N SER B 56 -10.17 -14.00 1.82
CA SER B 56 -9.23 -14.59 0.87
C SER B 56 -9.81 -15.79 0.14
N LYS B 57 -10.45 -16.67 0.89
CA LYS B 57 -11.04 -17.87 0.32
C LYS B 57 -12.19 -17.56 -0.63
N MET B 58 -13.04 -16.58 -0.29
CA MET B 58 -14.17 -16.22 -1.15
C MET B 58 -13.80 -15.55 -2.47
N VAL B 59 -12.87 -14.60 -2.46
CA VAL B 59 -12.49 -13.94 -3.71
C VAL B 59 -11.65 -14.84 -4.61
N GLY B 60 -11.36 -16.04 -4.13
CA GLY B 60 -10.59 -17.00 -4.89
C GLY B 60 -9.16 -16.54 -5.15
N GLU B 61 -8.34 -17.42 -5.75
CA GLU B 61 -6.97 -17.06 -6.03
C GLU B 61 -7.01 -16.10 -7.22
N LYS B 62 -8.20 -15.99 -7.81
CA LYS B 62 -8.47 -15.14 -8.95
C LYS B 62 -8.95 -13.76 -8.54
N GLY B 63 -8.80 -13.46 -7.26
CA GLY B 63 -9.21 -12.17 -6.73
C GLY B 63 -8.19 -11.73 -5.73
N LYS B 64 -8.31 -10.51 -5.21
CA LYS B 64 -7.33 -10.04 -4.25
C LYS B 64 -7.99 -9.39 -3.05
N VAL B 65 -7.26 -9.41 -1.93
CA VAL B 65 -7.70 -8.79 -0.70
C VAL B 65 -6.64 -7.80 -0.24
N TYR B 66 -7.09 -6.60 0.13
CA TYR B 66 -6.20 -5.56 0.64
C TYR B 66 -6.59 -5.34 2.08
N ALA B 67 -5.67 -5.66 2.98
CA ALA B 67 -5.89 -5.48 4.39
C ALA B 67 -5.10 -4.28 4.81
N ILE B 68 -5.77 -3.18 5.14
CA ILE B 68 -5.06 -2.00 5.56
C ILE B 68 -5.26 -1.81 7.04
N ASP B 69 -4.48 -0.90 7.64
CA ASP B 69 -4.57 -0.60 9.06
C ASP B 69 -3.58 0.50 9.39
N VAL B 70 -3.97 1.42 10.27
CA VAL B 70 -3.13 2.54 10.68
C VAL B 70 -2.13 2.25 11.80
N GLN B 71 -2.16 1.07 12.40
CA GLN B 71 -1.21 0.75 13.46
C GLN B 71 -0.26 -0.31 12.95
N GLU B 72 1.03 0.02 12.97
CA GLU B 72 2.10 -0.86 12.49
C GLU B 72 2.05 -2.30 12.99
N GLU B 73 1.92 -2.48 14.30
CA GLU B 73 1.88 -3.81 14.89
C GLU B 73 0.75 -4.67 14.34
N MET B 74 -0.34 -4.01 13.95
CA MET B 74 -1.48 -4.71 13.36
C MET B 74 -1.05 -5.17 11.97
N VAL B 75 -0.41 -4.27 11.25
CA VAL B 75 0.07 -4.57 9.92
C VAL B 75 1.05 -5.74 9.95
N ASN B 76 2.06 -5.66 10.82
CA ASN B 76 3.05 -6.72 10.93
C ASN B 76 2.46 -8.03 11.42
N TYR B 77 1.55 -7.95 12.39
CA TYR B 77 0.92 -9.15 12.91
C TYR B 77 0.15 -9.83 11.78
N ALA B 78 -0.79 -9.09 11.22
CA ALA B 78 -1.62 -9.59 10.13
C ALA B 78 -0.79 -10.11 8.96
N TRP B 79 0.36 -9.51 8.73
CA TRP B 79 1.23 -9.93 7.63
C TRP B 79 1.80 -11.32 7.93
N GLU B 80 2.41 -11.46 9.09
CA GLU B 80 3.00 -12.73 9.48
C GLU B 80 1.86 -13.72 9.52
N LYS B 81 0.68 -13.20 9.84
CA LYS B 81 -0.48 -14.04 9.92
C LYS B 81 -0.81 -14.59 8.54
N VAL B 82 -1.07 -13.70 7.58
CA VAL B 82 -1.39 -14.17 6.24
C VAL B 82 -0.27 -15.09 5.74
N ASN B 83 0.97 -14.71 6.01
CA ASN B 83 2.12 -15.51 5.63
C ASN B 83 1.98 -16.89 6.24
N LYS B 84 1.96 -16.93 7.57
CA LYS B 84 1.85 -18.16 8.32
C LYS B 84 0.71 -19.08 7.88
N LEU B 85 -0.15 -18.60 6.98
CA LEU B 85 -1.29 -19.41 6.51
C LEU B 85 -1.21 -19.75 5.02
N GLY B 86 -0.21 -19.22 4.33
CA GLY B 86 -0.09 -19.51 2.91
C GLY B 86 -1.10 -18.77 2.05
N LEU B 87 -1.70 -17.72 2.60
CA LEU B 87 -2.67 -16.93 1.84
C LEU B 87 -1.91 -16.16 0.73
N LYS B 88 -2.21 -16.46 -0.52
CA LYS B 88 -1.51 -15.81 -1.62
C LYS B 88 -2.14 -14.51 -2.11
N ASN B 89 -3.44 -14.52 -2.30
CA ASN B 89 -4.16 -13.34 -2.81
C ASN B 89 -4.32 -12.18 -1.82
N VAL B 90 -3.61 -12.22 -0.71
CA VAL B 90 -3.74 -11.15 0.27
C VAL B 90 -2.54 -10.22 0.32
N GLU B 91 -2.83 -8.92 0.30
CA GLU B 91 -1.82 -7.88 0.34
C GLU B 91 -2.05 -7.00 1.59
N VAL B 92 -1.12 -7.05 2.54
CA VAL B 92 -1.25 -6.27 3.78
C VAL B 92 -0.51 -4.94 3.72
N LEU B 93 -1.25 -3.85 3.90
CA LEU B 93 -0.69 -2.49 3.86
C LEU B 93 -0.89 -1.60 5.10
N LYS B 94 0.00 -0.62 5.23
CA LYS B 94 -0.02 0.32 6.33
C LYS B 94 -0.58 1.65 5.84
N SER B 95 -1.80 1.99 6.25
CA SER B 95 -2.40 3.24 5.82
C SER B 95 -2.41 4.34 6.87
N GLU B 96 -2.99 5.47 6.52
CA GLU B 96 -3.11 6.60 7.42
C GLU B 96 -4.60 6.86 7.60
N GLU B 97 -4.95 7.48 8.73
CA GLU B 97 -6.35 7.74 9.05
C GLU B 97 -7.28 7.98 7.87
N ASN B 98 -7.08 9.07 7.15
CA ASN B 98 -7.95 9.37 6.02
C ASN B 98 -7.25 9.21 4.68
N LYS B 99 -6.30 8.29 4.62
CA LYS B 99 -5.56 8.05 3.40
C LYS B 99 -5.31 6.57 3.14
N ILE B 100 -5.89 6.06 2.06
CA ILE B 100 -5.72 4.67 1.67
C ILE B 100 -4.63 4.65 0.60
N PRO B 101 -3.56 3.86 0.81
CA PRO B 101 -2.43 3.74 -0.11
C PRO B 101 -2.68 3.12 -1.49
N LEU B 102 -3.93 3.10 -1.92
CA LEU B 102 -4.27 2.51 -3.19
C LEU B 102 -4.64 3.57 -4.23
N PRO B 103 -4.61 3.20 -5.53
CA PRO B 103 -4.99 4.17 -6.56
C PRO B 103 -6.51 4.22 -6.71
N ASP B 104 -7.01 5.16 -7.50
CA ASP B 104 -8.45 5.30 -7.70
C ASP B 104 -9.09 4.11 -8.40
N ASN B 105 -10.37 3.92 -8.14
CA ASN B 105 -11.14 2.87 -8.80
C ASN B 105 -10.53 1.49 -8.74
N THR B 106 -9.96 1.12 -7.60
CA THR B 106 -9.34 -0.20 -7.51
C THR B 106 -10.09 -1.25 -6.71
N VAL B 107 -11.05 -0.86 -5.88
CA VAL B 107 -11.77 -1.85 -5.07
C VAL B 107 -13.22 -2.09 -5.42
N ASP B 108 -13.65 -3.32 -5.21
CA ASP B 108 -15.02 -3.73 -5.51
C ASP B 108 -15.87 -3.85 -4.25
N PHE B 109 -15.26 -4.39 -3.20
CA PHE B 109 -15.97 -4.62 -1.96
C PHE B 109 -15.20 -4.07 -0.74
N ILE B 110 -15.84 -3.20 0.03
CA ILE B 110 -15.22 -2.66 1.24
C ILE B 110 -15.86 -3.36 2.45
N PHE B 111 -15.02 -3.85 3.34
CA PHE B 111 -15.47 -4.55 4.53
C PHE B 111 -15.00 -3.84 5.80
N MET B 112 -15.92 -3.20 6.50
CA MET B 112 -15.57 -2.52 7.74
C MET B 112 -16.14 -3.23 8.96
N ALA B 113 -15.35 -4.10 9.55
CA ALA B 113 -15.83 -4.83 10.70
C ALA B 113 -15.33 -4.23 12.00
N PHE B 114 -16.28 -3.77 12.82
CA PHE B 114 -15.98 -3.19 14.12
C PHE B 114 -14.93 -2.10 14.05
N THR B 115 -14.87 -1.41 12.92
CA THR B 115 -13.85 -0.39 12.75
C THR B 115 -14.41 1.03 12.54
N PHE B 116 -15.66 1.13 12.13
CA PHE B 116 -16.29 2.43 11.88
C PHE B 116 -16.32 3.34 13.12
N HIS B 117 -16.58 2.78 14.30
CA HIS B 117 -16.63 3.60 15.50
C HIS B 117 -15.23 4.04 15.96
N GLU B 118 -14.23 3.76 15.12
CA GLU B 118 -12.84 4.12 15.43
C GLU B 118 -12.30 5.24 14.52
N LEU B 119 -13.02 5.49 13.43
CA LEU B 119 -12.63 6.53 12.50
C LEU B 119 -12.71 7.88 13.18
N SER B 120 -11.60 8.62 13.16
CA SER B 120 -11.59 9.94 13.76
C SER B 120 -12.57 10.82 12.99
N GLU B 121 -12.43 10.82 11.66
CA GLU B 121 -13.28 11.63 10.82
C GLU B 121 -14.01 10.83 9.75
N PRO B 122 -15.13 10.21 10.15
CA PRO B 122 -16.01 9.36 9.34
C PRO B 122 -16.18 9.77 7.89
N LEU B 123 -16.56 11.02 7.63
CA LEU B 123 -16.77 11.40 6.24
C LEU B 123 -15.50 11.80 5.52
N LYS B 124 -14.50 12.20 6.28
CA LYS B 124 -13.24 12.55 5.66
C LYS B 124 -12.78 11.19 5.13
N PHE B 125 -12.85 10.18 5.99
CA PHE B 125 -12.44 8.85 5.59
C PHE B 125 -13.30 8.27 4.49
N LEU B 126 -14.59 8.54 4.54
CA LEU B 126 -15.50 8.04 3.52
C LEU B 126 -15.25 8.63 2.13
N GLU B 127 -14.67 9.83 2.04
CA GLU B 127 -14.39 10.44 0.72
C GLU B 127 -13.27 9.63 0.09
N GLU B 128 -12.27 9.36 0.91
CA GLU B 128 -11.12 8.61 0.49
C GLU B 128 -11.57 7.22 0.01
N LEU B 129 -12.56 6.64 0.69
CA LEU B 129 -13.10 5.33 0.34
C LEU B 129 -13.75 5.33 -1.04
N LYS B 130 -14.33 6.46 -1.41
CA LYS B 130 -14.98 6.58 -2.69
C LYS B 130 -13.95 6.69 -3.81
N ARG B 131 -12.81 7.28 -3.49
CA ARG B 131 -11.75 7.42 -4.48
C ARG B 131 -11.21 6.05 -4.90
N VAL B 132 -10.83 5.23 -3.92
CA VAL B 132 -10.28 3.91 -4.22
C VAL B 132 -11.34 2.93 -4.68
N ALA B 133 -12.60 3.35 -4.65
CA ALA B 133 -13.68 2.50 -5.06
C ALA B 133 -14.00 2.64 -6.53
N LYS B 134 -14.41 1.54 -7.15
CA LYS B 134 -14.77 1.54 -8.57
C LYS B 134 -16.10 2.27 -8.73
N PRO B 135 -16.44 2.68 -9.96
CA PRO B 135 -17.70 3.39 -10.18
C PRO B 135 -18.89 2.82 -9.40
N PHE B 136 -18.89 1.52 -9.12
CA PHE B 136 -19.97 0.91 -8.35
C PHE B 136 -19.44 0.59 -6.95
N ALA B 137 -19.17 -0.69 -6.67
CA ALA B 137 -18.64 -1.12 -5.38
C ALA B 137 -19.61 -1.17 -4.19
N TYR B 138 -19.44 -2.23 -3.38
CA TYR B 138 -20.24 -2.47 -2.18
C TYR B 138 -19.53 -2.03 -0.89
N LEU B 139 -20.32 -1.61 0.09
CA LEU B 139 -19.79 -1.19 1.38
C LEU B 139 -20.57 -1.94 2.47
N ALA B 140 -19.89 -2.89 3.13
CA ALA B 140 -20.49 -3.70 4.18
C ALA B 140 -19.88 -3.38 5.52
N ILE B 141 -20.63 -2.70 6.36
CA ILE B 141 -20.15 -2.32 7.68
C ILE B 141 -20.77 -3.22 8.73
N ILE B 142 -19.95 -3.76 9.63
CA ILE B 142 -20.46 -4.62 10.67
C ILE B 142 -19.95 -4.15 12.04
N ASP B 143 -20.86 -3.67 12.90
CA ASP B 143 -20.44 -3.17 14.20
C ASP B 143 -21.34 -3.56 15.37
N TRP B 144 -20.96 -3.11 16.57
CA TRP B 144 -21.70 -3.39 17.79
C TRP B 144 -22.96 -2.56 17.90
N LYS B 145 -24.01 -3.14 18.47
CA LYS B 145 -25.28 -2.43 18.66
C LYS B 145 -25.09 -1.52 19.87
N LYS B 146 -25.66 -0.31 19.80
CA LYS B 146 -25.55 0.66 20.89
C LYS B 146 -26.53 0.24 21.98
N GLU B 147 -26.13 -0.72 22.79
CA GLU B 147 -26.98 -1.23 23.85
C GLU B 147 -26.22 -2.22 24.72
N GLU B 148 -26.74 -2.49 25.92
CA GLU B 148 -26.07 -3.40 26.84
C GLU B 148 -26.02 -4.83 26.31
N ARG B 149 -24.79 -5.34 26.24
CA ARG B 149 -24.50 -6.69 25.76
C ARG B 149 -23.50 -7.31 26.71
N ASP B 150 -23.50 -8.64 26.75
CA ASP B 150 -22.56 -9.34 27.62
C ASP B 150 -21.42 -9.85 26.75
N LYS B 151 -20.81 -8.95 25.99
CA LYS B 151 -19.69 -9.31 25.12
C LYS B 151 -18.92 -8.13 24.50
N GLY B 152 -19.61 -7.18 23.87
CA GLY B 152 -18.89 -6.07 23.25
C GLY B 152 -18.49 -4.96 24.21
N PRO B 153 -17.94 -3.83 23.72
CA PRO B 153 -17.53 -2.71 24.59
C PRO B 153 -18.74 -1.87 25.05
N PRO B 154 -18.50 -0.86 25.90
CA PRO B 154 -19.63 -0.02 26.35
C PRO B 154 -20.35 0.61 25.15
N PRO B 155 -21.67 0.83 25.27
CA PRO B 155 -22.46 1.44 24.20
C PRO B 155 -22.06 2.89 23.86
N GLU B 156 -21.52 3.60 24.83
CA GLU B 156 -21.11 4.99 24.60
C GLU B 156 -20.04 5.08 23.51
N GLU B 157 -19.25 4.01 23.35
CA GLU B 157 -18.16 3.95 22.37
C GLU B 157 -18.54 3.40 21.00
N VAL B 158 -19.82 3.37 20.67
CA VAL B 158 -20.21 2.81 19.37
C VAL B 158 -21.40 3.48 18.72
N TYR B 159 -21.29 3.87 17.45
CA TYR B 159 -22.42 4.51 16.77
C TYR B 159 -23.60 3.55 16.72
N SER B 160 -24.81 4.09 16.80
CA SER B 160 -25.97 3.22 16.70
C SER B 160 -26.16 2.98 15.21
N GLU B 161 -27.00 2.01 14.86
CA GLU B 161 -27.25 1.73 13.47
C GLU B 161 -28.33 2.69 13.01
N TRP B 162 -28.01 3.99 13.09
CA TRP B 162 -28.92 5.07 12.70
C TRP B 162 -28.03 6.25 12.35
N GLU B 163 -27.10 6.59 13.24
CA GLU B 163 -26.19 7.67 12.97
C GLU B 163 -25.34 7.22 11.80
N VAL B 164 -24.90 5.97 11.86
CA VAL B 164 -24.09 5.40 10.78
C VAL B 164 -24.75 5.67 9.44
N GLY B 165 -26.07 5.47 9.40
CA GLY B 165 -26.83 5.68 8.19
C GLY B 165 -26.84 7.12 7.70
N LEU B 166 -27.06 8.06 8.61
CA LEU B 166 -27.10 9.46 8.27
C LEU B 166 -25.73 9.97 7.81
N ILE B 167 -24.68 9.32 8.29
CA ILE B 167 -23.33 9.69 7.90
C ILE B 167 -23.16 9.25 6.43
N LEU B 168 -23.42 7.98 6.15
CA LEU B 168 -23.32 7.48 4.78
C LEU B 168 -24.10 8.40 3.83
N GLU B 169 -25.35 8.64 4.19
CA GLU B 169 -26.25 9.48 3.41
C GLU B 169 -25.58 10.84 3.20
N ASP B 170 -25.10 11.42 4.28
CA ASP B 170 -24.43 12.72 4.23
C ASP B 170 -23.08 12.64 3.51
N ALA B 171 -22.63 11.42 3.24
CA ALA B 171 -21.35 11.22 2.57
C ALA B 171 -21.60 10.82 1.13
N GLY B 172 -22.87 10.87 0.73
CA GLY B 172 -23.21 10.51 -0.62
C GLY B 172 -23.49 9.04 -0.81
N ILE B 173 -22.96 8.20 0.08
CA ILE B 173 -23.18 6.75 0.00
C ILE B 173 -24.64 6.40 0.22
N ARG B 174 -25.18 5.47 -0.57
CA ARG B 174 -26.58 5.07 -0.39
C ARG B 174 -26.74 3.71 0.31
N VAL B 175 -27.55 3.72 1.36
CA VAL B 175 -27.81 2.53 2.16
C VAL B 175 -28.94 1.66 1.62
N GLY B 176 -28.59 0.44 1.20
CA GLY B 176 -29.62 -0.44 0.68
C GLY B 176 -30.40 -1.08 1.81
N ARG B 177 -29.69 -1.57 2.83
CA ARG B 177 -30.36 -2.20 3.95
C ARG B 177 -29.51 -2.25 5.20
N VAL B 178 -30.18 -2.31 6.35
CA VAL B 178 -29.50 -2.42 7.64
C VAL B 178 -30.13 -3.63 8.34
N VAL B 179 -29.35 -4.69 8.49
CA VAL B 179 -29.84 -5.92 9.12
C VAL B 179 -29.22 -6.14 10.50
N GLU B 180 -29.69 -7.17 11.22
CA GLU B 180 -29.12 -7.45 12.53
C GLU B 180 -28.20 -8.64 12.35
N VAL B 181 -27.04 -8.63 13.00
CA VAL B 181 -26.08 -9.72 12.88
C VAL B 181 -25.77 -10.44 14.19
N GLY B 182 -26.27 -11.67 14.30
CA GLY B 182 -26.03 -12.50 15.47
C GLY B 182 -26.53 -12.03 16.84
N LYS B 183 -27.45 -11.07 16.86
CA LYS B 183 -27.95 -10.59 18.15
C LYS B 183 -26.81 -10.12 19.08
N TYR B 184 -26.06 -9.14 18.58
CA TYR B 184 -24.93 -8.49 19.25
C TYR B 184 -24.49 -7.36 18.35
N CYS B 185 -24.64 -7.58 17.05
CA CYS B 185 -24.26 -6.60 16.05
C CYS B 185 -25.37 -6.28 15.05
N PHE B 186 -24.99 -5.50 14.06
CA PHE B 186 -25.86 -5.12 12.97
C PHE B 186 -24.93 -4.99 11.77
N GLY B 187 -25.45 -5.21 10.58
CA GLY B 187 -24.63 -5.10 9.41
C GLY B 187 -25.36 -4.20 8.46
N VAL B 188 -24.72 -3.10 8.09
CA VAL B 188 -25.35 -2.19 7.15
C VAL B 188 -24.78 -2.47 5.76
N TYR B 189 -25.65 -2.45 4.77
CA TYR B 189 -25.27 -2.71 3.38
C TYR B 189 -25.52 -1.50 2.46
N ALA B 190 -24.44 -0.99 1.87
CA ALA B 190 -24.54 0.16 0.97
C ALA B 190 -23.74 -0.03 -0.31
N MET B 191 -24.03 0.83 -1.27
CA MET B 191 -23.37 0.78 -2.56
C MET B 191 -22.84 2.17 -2.90
N ILE B 192 -21.61 2.20 -3.39
CA ILE B 192 -20.97 3.43 -3.79
C ILE B 192 -21.25 3.62 -5.28
N VAL B 193 -21.33 4.87 -5.71
CA VAL B 193 -21.59 5.16 -7.11
C VAL B 193 -21.36 6.65 -7.41
N SAM C . 11.90 7.21 -11.66
CA SAM C . 10.92 7.66 -12.70
C SAM C . 11.32 7.15 -14.06
O SAM C . 12.34 6.47 -14.17
OXT SAM C . 10.54 7.48 -15.03
CB SAM C . 10.86 9.18 -12.72
CG SAM C . 10.80 9.68 -11.32
SD SAM C . 10.73 11.46 -11.00
CE SAM C . 12.38 12.02 -11.44
C5' SAM C . 10.69 11.44 -9.26
C4' SAM C . 9.38 11.03 -8.63
O4' SAM C . 9.63 11.02 -7.23
C3' SAM C . 8.28 12.10 -8.77
O3' SAM C . 7.28 11.50 -9.65
C2' SAM C . 7.67 12.24 -7.39
O2' SAM C . 6.25 12.28 -7.25
C1' SAM C . 8.43 11.14 -6.59
N9 SAM C . 8.75 11.40 -5.21
C8 SAM C . 9.26 12.53 -4.61
N7 SAM C . 9.44 12.40 -3.33
C5 SAM C . 9.01 11.10 -3.05
C6 SAM C . 8.94 10.34 -1.85
N6 SAM C . 9.33 10.85 -0.67
N1 SAM C . 8.45 9.05 -1.93
C2 SAM C . 8.07 8.57 -3.14
N3 SAM C . 8.10 9.21 -4.31
C4 SAM C . 8.57 10.48 -4.20
N SAM D . -12.01 -6.04 12.28
CA SAM D . -10.85 -6.71 12.92
C SAM D . -11.18 -8.15 13.16
O SAM D . -12.30 -8.56 12.86
OXT SAM D . -10.22 -8.85 13.68
CB SAM D . -10.54 -6.05 14.24
CG SAM D . -10.48 -4.58 14.04
SD SAM D . -10.15 -3.53 15.47
CE SAM D . -11.71 -3.60 16.39
C5' SAM D . -10.16 -1.97 14.68
C4' SAM D . -8.93 -1.64 13.88
O4' SAM D . -9.22 -0.38 13.28
C3' SAM D . -7.70 -1.29 14.77
O3' SAM D . -6.77 -2.38 14.55
C2' SAM D . -7.12 -0.01 14.19
O2' SAM D . -5.72 0.16 14.04
C1' SAM D . -8.01 0.15 12.93
N9 SAM D . -8.26 1.48 12.47
C8 SAM D . -8.75 2.59 13.14
N7 SAM D . -8.87 3.64 12.37
C5 SAM D . -8.43 3.19 11.11
C6 SAM D . -8.31 3.82 9.84
N6 SAM D . -8.66 5.10 9.62
N1 SAM D . -7.84 3.07 8.79
C2 SAM D . -7.50 1.79 9.01
N3 SAM D . -7.57 1.10 10.14
C4 SAM D . -8.05 1.87 11.17
#